data_3P0B
#
_entry.id   3P0B
#
_cell.length_a   119.532
_cell.length_b   119.532
_cell.length_c   74.097
_cell.angle_alpha   90.00
_cell.angle_beta   90.00
_cell.angle_gamma   90.00
#
_symmetry.space_group_name_H-M   'P 42 21 2'
#
loop_
_entity.id
_entity.type
_entity.pdbx_description
1 polymer 'TT1467 protein'
2 non-polymer GLYCEROL
3 water water
#
_entity_poly.entity_id   1
_entity_poly.type   'polypeptide(L)'
_entity_poly.pdbx_seq_one_letter_code
;MGSSHHHHHHSSGLVPRGSHMARFALVLHAHLPYVRAHGMWPFGEETLYEAMAETYLPLIRVLERLRAEGVEAPFTLGIT
PILAEQLADARIKEGFWAYAKDRLERAQGDYQRYRGTALEASARHQVAFWELTLDHFQRLSGDLVAAFRKAEEGGQVELI
TSNATHGYSPLLGYDEALWAQIKTGVSTYRRHFAKDPTGFWLPEMAYRPKGPWKPPVEGPPEGVRPGVDELLMRAGIRYT
FVDAHLVQGGEPLSPYGEAALGPVESQEATYHVHELESGLRVLARNPETTLQVWSADYGYPGEGLYREFHRKDPLSGLHH
WRVTHRKADLAEKAPYDPEAAFAKTEEHARHFVGLLERLAGRHPEGVILSPYDAELFGHWWYEGVAWLEAVLRLLAQNPK
VRPVTAREAVQGPAVRTALPEGSWGRGGDHRVWLNEKTLDYWEKVYRAEGAMREAARRGVLPEGVLRQAMRELLLLEASD
WPFLMETGQAEAYARERYEEHARAFFHLLKGASPEELRALEERDNPFPEADPRLYLFREA
;
_entity_poly.pdbx_strand_id   A
#
# COMPACT_ATOMS: atom_id res chain seq x y z
N SER A 19 -9.60 30.54 7.82
CA SER A 19 -11.02 30.89 7.55
C SER A 19 -11.51 30.27 6.25
N HIS A 20 -12.55 29.43 6.35
CA HIS A 20 -13.09 28.70 5.20
C HIS A 20 -11.99 28.04 4.38
N MET A 21 -11.16 27.27 5.06
CA MET A 21 -9.99 26.66 4.45
C MET A 21 -10.36 25.40 3.68
N ALA A 22 -9.60 25.11 2.63
CA ALA A 22 -9.71 23.84 1.93
C ALA A 22 -9.17 22.79 2.88
N ARG A 23 -9.70 21.58 2.73
CA ARG A 23 -9.21 20.44 3.51
C ARG A 23 -8.35 19.54 2.63
N PHE A 24 -7.08 19.37 3.02
CA PHE A 24 -6.13 18.52 2.28
C PHE A 24 -5.98 17.18 2.99
N ALA A 25 -6.40 16.11 2.33
CA ALA A 25 -6.31 14.78 2.88
C ALA A 25 -5.24 13.99 2.14
N LEU A 26 -4.01 13.97 2.67
CA LEU A 26 -2.95 13.11 2.14
C LEU A 26 -3.22 11.69 2.66
N VAL A 27 -3.26 10.71 1.75
CA VAL A 27 -3.42 9.30 2.13
C VAL A 27 -2.28 8.51 1.51
N LEU A 28 -1.53 7.82 2.38
CA LEU A 28 -0.45 6.93 1.93
C LEU A 28 -0.90 5.50 2.10
N HIS A 29 -0.90 4.76 1.02
CA HIS A 29 -1.24 3.33 1.03
C HIS A 29 0.04 2.50 1.11
N ALA A 30 0.36 2.02 2.31
CA ALA A 30 1.54 1.13 2.47
C ALA A 30 1.12 -0.32 2.30
N HIS A 31 1.81 -1.03 1.41
CA HIS A 31 1.46 -2.41 1.08
C HIS A 31 2.63 -3.10 0.42
N LEU A 32 2.85 -4.36 0.80
CA LEU A 32 3.64 -5.30 -0.01
C LEU A 32 2.96 -6.63 0.11
N PRO A 33 3.01 -7.45 -0.94
CA PRO A 33 2.42 -8.79 -0.85
C PRO A 33 3.24 -9.67 0.10
N TYR A 34 2.73 -10.87 0.35
CA TYR A 34 3.40 -11.78 1.25
C TYR A 34 4.65 -12.33 0.57
N VAL A 35 5.81 -11.89 1.08
CA VAL A 35 7.10 -12.29 0.56
C VAL A 35 7.94 -13.05 1.59
N ARG A 36 7.53 -13.01 2.86
CA ARG A 36 8.21 -13.78 3.89
C ARG A 36 8.39 -15.23 3.49
N ALA A 37 9.62 -15.74 3.64
CA ALA A 37 9.92 -17.16 3.40
C ALA A 37 9.82 -17.59 1.96
N HIS A 38 9.69 -16.65 1.02
CA HIS A 38 9.52 -17.09 -0.38
C HIS A 38 10.72 -16.85 -1.31
N GLY A 39 11.87 -16.50 -0.73
CA GLY A 39 13.05 -16.17 -1.50
C GLY A 39 13.49 -14.78 -1.09
N MET A 40 14.71 -14.42 -1.46
CA MET A 40 15.26 -13.11 -1.08
C MET A 40 15.15 -12.05 -2.18
N TRP A 41 15.63 -12.33 -3.39
CA TRP A 41 15.77 -11.31 -4.46
C TRP A 41 15.57 -11.96 -5.85
N PRO A 42 15.27 -11.19 -6.92
CA PRO A 42 14.93 -9.74 -7.10
C PRO A 42 13.62 -9.33 -6.44
N PHE A 43 12.64 -10.22 -6.48
CA PHE A 43 11.40 -10.02 -5.76
CA PHE A 43 11.42 -10.01 -5.71
C PHE A 43 11.23 -11.13 -4.71
N GLY A 44 11.09 -10.73 -3.47
CA GLY A 44 11.11 -11.63 -2.32
C GLY A 44 11.30 -10.81 -1.06
N GLU A 45 11.88 -11.40 -0.02
CA GLU A 45 12.02 -10.70 1.28
C GLU A 45 12.73 -9.37 1.20
N GLU A 46 13.75 -9.27 0.36
CA GLU A 46 14.47 -8.00 0.24
C GLU A 46 13.56 -6.86 -0.18
N THR A 47 12.50 -7.13 -0.92
N THR A 47 12.50 -7.13 -0.92
CA THR A 47 11.58 -6.07 -1.30
CA THR A 47 11.53 -6.08 -1.30
C THR A 47 10.98 -5.44 -0.04
C THR A 47 10.91 -5.44 -0.06
N LEU A 48 10.65 -6.26 0.95
CA LEU A 48 10.14 -5.75 2.22
C LEU A 48 11.23 -5.02 3.00
N TYR A 49 12.45 -5.57 3.04
CA TYR A 49 13.50 -4.88 3.80
C TYR A 49 13.85 -3.53 3.19
N GLU A 50 13.84 -3.44 1.86
CA GLU A 50 14.04 -2.15 1.18
C GLU A 50 13.00 -1.16 1.61
N ALA A 51 11.74 -1.56 1.63
CA ALA A 51 10.67 -0.63 2.01
C ALA A 51 10.73 -0.26 3.48
N MET A 52 11.06 -1.21 4.35
CA MET A 52 11.25 -0.90 5.75
C MET A 52 12.32 0.15 5.95
N ALA A 53 13.45 0.00 5.27
CA ALA A 53 14.57 0.94 5.46
C ALA A 53 14.30 2.30 4.84
N GLU A 54 13.71 2.31 3.66
CA GLU A 54 13.67 3.54 2.85
C GLU A 54 12.35 4.29 2.95
N THR A 55 11.26 3.61 3.29
CA THR A 55 9.95 4.27 3.42
C THR A 55 9.46 4.23 4.86
N TYR A 56 9.32 3.06 5.47
CA TYR A 56 8.57 2.98 6.72
C TYR A 56 9.34 3.55 7.89
N LEU A 57 10.61 3.19 8.04
CA LEU A 57 11.39 3.80 9.11
C LEU A 57 11.56 5.32 8.97
N PRO A 58 11.89 5.84 7.74
CA PRO A 58 11.93 7.30 7.59
C PRO A 58 10.60 7.98 7.89
N LEU A 59 9.47 7.36 7.52
N LEU A 59 9.48 7.35 7.51
CA LEU A 59 8.18 7.97 7.83
CA LEU A 59 8.13 7.86 7.80
C LEU A 59 7.96 8.00 9.34
C LEU A 59 7.84 7.92 9.30
N ILE A 60 8.33 6.93 10.03
CA ILE A 60 8.22 6.91 11.48
C ILE A 60 9.04 8.05 12.08
N ARG A 61 10.24 8.31 11.55
CA ARG A 61 11.06 9.40 12.08
C ARG A 61 10.43 10.76 11.82
N VAL A 62 9.72 10.91 10.68
CA VAL A 62 8.96 12.15 10.45
C VAL A 62 7.89 12.29 11.53
N LEU A 63 7.13 11.23 11.75
CA LEU A 63 6.05 11.25 12.74
C LEU A 63 6.56 11.55 14.15
N GLU A 64 7.70 10.97 14.53
CA GLU A 64 8.33 11.24 15.81
C GLU A 64 8.70 12.72 15.94
N ARG A 65 9.31 13.29 14.89
CA ARG A 65 9.71 14.71 14.92
C ARG A 65 8.52 15.64 15.01
N LEU A 66 7.51 15.41 14.19
CA LEU A 66 6.34 16.32 14.19
C LEU A 66 5.67 16.28 15.57
N ARG A 67 5.60 15.10 16.18
CA ARG A 67 5.05 14.98 17.54
C ARG A 67 5.90 15.75 18.55
N ALA A 68 7.21 15.53 18.50
CA ALA A 68 8.13 16.20 19.42
C ALA A 68 8.04 17.74 19.35
N GLU A 69 7.82 18.25 18.14
CA GLU A 69 7.87 19.68 17.88
C GLU A 69 6.48 20.33 17.93
N GLY A 70 5.44 19.51 18.17
CA GLY A 70 4.07 19.99 18.25
C GLY A 70 3.51 20.51 16.94
N VAL A 71 4.06 20.03 15.81
CA VAL A 71 3.59 20.39 14.49
C VAL A 71 2.32 19.62 14.17
N GLU A 72 1.24 20.35 13.93
CA GLU A 72 -0.07 19.77 13.67
C GLU A 72 -0.33 19.73 12.17
N ALA A 73 -0.11 18.56 11.58
CA ALA A 73 -0.30 18.37 10.15
C ALA A 73 -0.66 16.90 9.92
N PRO A 74 -1.86 16.51 10.38
CA PRO A 74 -2.15 15.08 10.30
C PRO A 74 -2.44 14.61 8.88
N PHE A 75 -2.25 13.31 8.67
CA PHE A 75 -2.58 12.67 7.40
C PHE A 75 -3.05 11.26 7.71
N THR A 76 -3.31 10.51 6.66
CA THR A 76 -3.87 9.15 6.76
C THR A 76 -2.91 8.14 6.18
N LEU A 77 -2.67 7.06 6.95
CA LEU A 77 -1.77 6.00 6.53
C LEU A 77 -2.49 4.65 6.57
N GLY A 78 -2.51 3.98 5.41
CA GLY A 78 -2.94 2.59 5.36
C GLY A 78 -1.75 1.68 5.51
N ILE A 79 -1.91 0.65 6.34
CA ILE A 79 -0.95 -0.46 6.37
C ILE A 79 -1.78 -1.71 6.10
N THR A 80 -1.59 -2.33 4.93
CA THR A 80 -2.46 -3.46 4.62
C THR A 80 -2.24 -4.58 5.64
N PRO A 81 -3.29 -5.34 5.91
CA PRO A 81 -3.13 -6.44 6.90
C PRO A 81 -1.96 -7.36 6.58
N ILE A 82 -1.79 -7.71 5.31
CA ILE A 82 -0.69 -8.62 4.97
C ILE A 82 0.68 -7.96 5.15
N LEU A 83 0.80 -6.66 4.90
CA LEU A 83 2.03 -5.97 5.25
C LEU A 83 2.24 -5.98 6.78
N ALA A 84 1.21 -5.61 7.54
CA ALA A 84 1.34 -5.54 8.99
C ALA A 84 1.72 -6.89 9.60
N GLU A 85 1.13 -7.97 9.09
CA GLU A 85 1.46 -9.32 9.56
C GLU A 85 2.95 -9.64 9.38
N GLN A 86 3.52 -9.22 8.29
CA GLN A 86 4.95 -9.40 8.04
C GLN A 86 5.81 -8.48 8.90
N LEU A 87 5.43 -7.21 9.02
CA LEU A 87 6.19 -6.27 9.87
C LEU A 87 6.26 -6.75 11.32
N ALA A 88 5.20 -7.39 11.79
CA ALA A 88 5.11 -7.89 13.16
C ALA A 88 5.73 -9.27 13.40
N ASP A 89 6.30 -9.87 12.35
CA ASP A 89 6.77 -11.23 12.39
C ASP A 89 8.23 -11.35 12.84
N ALA A 90 8.55 -12.41 13.58
CA ALA A 90 9.89 -12.61 14.09
C ALA A 90 10.94 -12.86 13.01
N ARG A 91 10.61 -13.70 12.02
CA ARG A 91 11.57 -13.96 10.92
C ARG A 91 11.89 -12.67 10.16
N ILE A 92 10.88 -11.85 9.88
CA ILE A 92 11.09 -10.58 9.21
C ILE A 92 11.93 -9.62 10.07
N LYS A 93 11.69 -9.58 11.38
CA LYS A 93 12.49 -8.68 12.24
C LYS A 93 13.95 -9.09 12.19
N GLU A 94 14.22 -10.38 12.32
N GLU A 94 14.23 -10.38 12.31
CA GLU A 94 15.59 -10.89 12.25
CA GLU A 94 15.63 -10.85 12.26
C GLU A 94 16.20 -10.63 10.88
C GLU A 94 16.23 -10.68 10.87
N GLY A 95 15.42 -10.90 9.83
CA GLY A 95 15.89 -10.72 8.45
C GLY A 95 16.22 -9.28 8.15
N PHE A 96 15.43 -8.35 8.67
CA PHE A 96 15.70 -6.94 8.44
C PHE A 96 17.00 -6.53 9.10
N TRP A 97 17.18 -6.96 10.35
N TRP A 97 17.21 -6.95 10.35
CA TRP A 97 18.37 -6.64 11.11
CA TRP A 97 18.43 -6.57 11.01
C TRP A 97 19.61 -7.11 10.34
C TRP A 97 19.61 -7.07 10.20
N ALA A 98 19.57 -8.35 9.81
CA ALA A 98 20.66 -8.92 9.02
C ALA A 98 20.86 -8.14 7.70
N TYR A 99 19.76 -7.77 7.04
CA TYR A 99 19.84 -7.05 5.78
C TYR A 99 20.49 -5.68 5.99
N ALA A 100 20.08 -4.98 7.05
CA ALA A 100 20.61 -3.64 7.33
C ALA A 100 22.07 -3.71 7.74
N LYS A 101 22.47 -4.73 8.50
CA LYS A 101 23.87 -4.93 8.86
C LYS A 101 24.70 -5.13 7.58
N ASP A 102 24.21 -6.02 6.71
CA ASP A 102 24.92 -6.24 5.45
C ASP A 102 25.00 -4.97 4.60
N ARG A 103 23.92 -4.20 4.53
CA ARG A 103 23.96 -2.93 3.79
C ARG A 103 24.94 -1.92 4.36
N LEU A 104 25.06 -1.84 5.68
CA LEU A 104 26.07 -0.99 6.28
C LEU A 104 27.46 -1.44 5.81
N GLU A 105 27.71 -2.76 5.82
CA GLU A 105 29.01 -3.25 5.40
C GLU A 105 29.28 -2.93 3.93
N ARG A 106 28.26 -3.07 3.09
CA ARG A 106 28.39 -2.72 1.66
C ARG A 106 28.72 -1.23 1.51
N ALA A 107 28.05 -0.37 2.28
CA ALA A 107 28.26 1.06 2.22
C ALA A 107 29.67 1.38 2.68
N GLN A 108 30.14 0.74 3.74
CA GLN A 108 31.52 0.96 4.22
C GLN A 108 32.51 0.58 3.13
N GLY A 109 32.24 -0.54 2.45
CA GLY A 109 33.14 -0.97 1.37
C GLY A 109 33.15 -0.01 0.18
N ASP A 110 31.98 0.52 -0.15
CA ASP A 110 31.94 1.52 -1.21
C ASP A 110 32.62 2.81 -0.80
N TYR A 111 32.53 3.21 0.47
CA TYR A 111 33.26 4.40 0.90
C TYR A 111 34.78 4.17 0.80
N GLN A 112 35.24 2.98 1.17
CA GLN A 112 36.62 2.59 1.01
C GLN A 112 37.06 2.73 -0.46
N ARG A 113 36.23 2.25 -1.40
CA ARG A 113 36.58 2.34 -2.82
C ARG A 113 36.47 3.75 -3.37
N TYR A 114 35.48 4.52 -2.91
CA TYR A 114 35.16 5.76 -3.60
C TYR A 114 35.65 7.04 -2.94
N ARG A 115 36.25 6.92 -1.75
CA ARG A 115 36.91 8.07 -1.15
C ARG A 115 37.90 8.63 -2.16
N GLY A 116 37.93 9.95 -2.29
CA GLY A 116 38.83 10.59 -3.25
C GLY A 116 38.34 10.58 -4.67
N THR A 117 37.08 10.17 -4.87
CA THR A 117 36.45 10.19 -6.19
C THR A 117 35.15 11.01 -6.12
N ALA A 118 34.55 11.22 -7.28
CA ALA A 118 33.27 11.93 -7.37
C ALA A 118 32.13 11.22 -6.64
N LEU A 119 32.29 9.93 -6.32
CA LEU A 119 31.26 9.16 -5.62
C LEU A 119 31.45 9.18 -4.10
N GLU A 120 32.42 9.95 -3.60
CA GLU A 120 32.68 9.93 -2.16
C GLU A 120 31.47 10.40 -1.34
N ALA A 121 30.83 11.50 -1.75
CA ALA A 121 29.73 12.07 -0.97
C ALA A 121 28.56 11.09 -0.89
N SER A 122 28.23 10.46 -2.02
CA SER A 122 27.19 9.41 -2.02
C SER A 122 27.51 8.25 -1.08
N ALA A 123 28.74 7.75 -1.16
CA ALA A 123 29.14 6.64 -0.32
C ALA A 123 29.11 7.02 1.18
N ARG A 124 29.61 8.22 1.52
CA ARG A 124 29.60 8.69 2.90
C ARG A 124 28.15 8.73 3.42
N HIS A 125 27.26 9.26 2.58
CA HIS A 125 25.84 9.40 2.92
C HIS A 125 25.20 8.04 3.20
N GLN A 126 25.56 7.05 2.38
CA GLN A 126 25.02 5.68 2.52
C GLN A 126 25.45 5.09 3.87
N VAL A 127 26.73 5.26 4.25
CA VAL A 127 27.19 4.81 5.57
C VAL A 127 26.34 5.45 6.68
N ALA A 128 26.18 6.77 6.63
CA ALA A 128 25.37 7.46 7.64
C ALA A 128 23.92 6.95 7.66
N PHE A 129 23.36 6.72 6.48
CA PHE A 129 21.98 6.22 6.38
C PHE A 129 21.83 4.87 7.10
N TRP A 130 22.77 3.95 6.85
CA TRP A 130 22.63 2.62 7.42
C TRP A 130 22.93 2.60 8.90
N GLU A 131 23.85 3.47 9.35
CA GLU A 131 24.05 3.63 10.80
C GLU A 131 22.75 4.07 11.49
N LEU A 132 22.12 5.11 10.93
CA LEU A 132 20.88 5.64 11.46
C LEU A 132 19.78 4.56 11.43
N THR A 133 19.70 3.82 10.33
CA THR A 133 18.69 2.77 10.17
C THR A 133 18.81 1.70 11.27
N LEU A 134 20.03 1.21 11.49
CA LEU A 134 20.27 0.21 12.52
C LEU A 134 19.92 0.74 13.92
N ASP A 135 20.37 1.96 14.21
CA ASP A 135 20.15 2.53 15.52
C ASP A 135 18.66 2.73 15.77
N HIS A 136 17.96 3.31 14.81
CA HIS A 136 16.52 3.53 14.95
C HIS A 136 15.75 2.22 15.10
N PHE A 137 16.06 1.25 14.24
CA PHE A 137 15.39 -0.04 14.32
C PHE A 137 15.57 -0.67 15.70
N GLN A 138 16.81 -0.60 16.21
N GLN A 138 16.77 -0.65 16.25
CA GLN A 138 17.16 -1.11 17.54
CA GLN A 138 16.93 -1.21 17.59
C GLN A 138 16.38 -0.38 18.66
C GLN A 138 16.19 -0.38 18.62
N ARG A 139 16.28 0.94 18.54
CA ARG A 139 15.57 1.76 19.52
C ARG A 139 14.05 1.52 19.49
N LEU A 140 13.51 1.07 18.36
CA LEU A 140 12.10 0.66 18.25
C LEU A 140 11.85 -0.76 18.71
N SER A 141 12.87 -1.44 19.22
N SER A 141 12.89 -1.43 19.21
CA SER A 141 12.75 -2.88 19.54
CA SER A 141 12.81 -2.86 19.53
C SER A 141 12.45 -3.72 18.29
C SER A 141 12.32 -3.63 18.30
N GLY A 142 12.72 -3.16 17.12
CA GLY A 142 12.41 -3.82 15.85
C GLY A 142 10.94 -3.92 15.55
N ASP A 143 10.10 -3.07 16.17
CA ASP A 143 8.64 -3.21 16.13
C ASP A 143 7.99 -2.00 15.44
N LEU A 144 7.93 -2.03 14.11
CA LEU A 144 7.36 -0.92 13.34
C LEU A 144 5.87 -0.78 13.59
N VAL A 145 5.13 -1.87 13.75
CA VAL A 145 3.69 -1.80 13.98
C VAL A 145 3.42 -1.02 15.26
N ALA A 146 4.20 -1.28 16.32
CA ALA A 146 4.05 -0.53 17.55
C ALA A 146 4.34 0.95 17.35
N ALA A 147 5.35 1.27 16.53
CA ALA A 147 5.65 2.70 16.28
C ALA A 147 4.50 3.40 15.59
N PHE A 148 3.86 2.72 14.64
CA PHE A 148 2.70 3.31 13.98
C PHE A 148 1.53 3.44 14.93
N ARG A 149 1.34 2.45 15.81
CA ARG A 149 0.26 2.57 16.81
C ARG A 149 0.48 3.82 17.67
N LYS A 150 1.73 4.05 18.05
N LYS A 150 1.73 4.03 18.09
CA LYS A 150 2.10 5.19 18.90
CA LYS A 150 2.08 5.20 18.88
C LYS A 150 1.90 6.55 18.21
C LYS A 150 1.74 6.50 18.16
N ALA A 151 2.15 6.58 16.90
CA ALA A 151 1.89 7.81 16.10
C ALA A 151 0.39 8.08 15.99
N GLU A 152 -0.42 7.04 15.86
CA GLU A 152 -1.89 7.19 15.83
C GLU A 152 -2.40 7.69 17.18
N GLU A 153 -1.88 7.13 18.26
CA GLU A 153 -2.23 7.56 19.62
C GLU A 153 -1.91 9.03 19.86
N GLY A 154 -0.80 9.50 19.29
CA GLY A 154 -0.43 10.90 19.41
C GLY A 154 -1.23 11.83 18.52
N GLY A 155 -1.96 11.29 17.56
CA GLY A 155 -2.83 12.07 16.67
C GLY A 155 -2.14 12.58 15.41
N GLN A 156 -0.91 12.16 15.16
CA GLN A 156 -0.19 12.61 13.96
C GLN A 156 -0.68 11.94 12.69
N VAL A 157 -1.34 10.80 12.84
CA VAL A 157 -1.83 10.07 11.69
C VAL A 157 -3.14 9.37 12.06
N GLU A 158 -4.03 9.20 11.09
CA GLU A 158 -5.11 8.19 11.14
C GLU A 158 -4.60 6.93 10.47
N LEU A 159 -4.84 5.78 11.10
CA LEU A 159 -4.52 4.51 10.47
C LEU A 159 -5.78 3.90 9.86
N ILE A 160 -5.65 3.41 8.63
CA ILE A 160 -6.75 2.70 7.94
C ILE A 160 -6.32 1.28 7.57
N THR A 161 -7.31 0.41 7.38
CA THR A 161 -7.03 -0.98 7.02
C THR A 161 -7.44 -1.22 5.57
N SER A 162 -7.41 -2.49 5.15
CA SER A 162 -7.73 -2.88 3.78
C SER A 162 -8.13 -4.36 3.78
N ASN A 163 -8.36 -4.90 2.59
CA ASN A 163 -8.57 -6.36 2.49
C ASN A 163 -7.37 -7.10 2.99
N ALA A 164 -7.63 -8.24 3.66
CA ALA A 164 -6.60 -9.05 4.28
C ALA A 164 -5.32 -9.14 3.43
N THR A 165 -5.47 -9.58 2.16
CA THR A 165 -4.29 -9.75 1.28
C THR A 165 -4.43 -8.87 0.03
N HIS A 166 -5.15 -7.75 0.14
CA HIS A 166 -5.26 -6.82 -0.99
C HIS A 166 -5.95 -7.54 -2.16
N GLY A 167 -6.98 -8.35 -1.87
CA GLY A 167 -7.78 -8.95 -2.94
C GLY A 167 -8.52 -7.91 -3.78
N TYR A 168 -8.71 -8.22 -5.05
CA TYR A 168 -9.33 -7.27 -5.99
C TYR A 168 -10.86 -7.35 -5.83
N SER A 169 -11.38 -6.45 -5.00
CA SER A 169 -12.76 -6.62 -4.47
C SER A 169 -13.85 -6.92 -5.51
N PRO A 170 -13.93 -6.17 -6.62
CA PRO A 170 -15.08 -6.37 -7.51
C PRO A 170 -15.12 -7.74 -8.17
N LEU A 171 -13.97 -8.40 -8.26
CA LEU A 171 -13.89 -9.66 -9.00
C LEU A 171 -13.89 -10.90 -8.14
N LEU A 172 -13.74 -10.76 -6.82
CA LEU A 172 -13.86 -11.94 -5.95
C LEU A 172 -15.23 -12.56 -6.22
N GLY A 173 -15.30 -13.89 -6.28
CA GLY A 173 -16.47 -14.54 -6.89
C GLY A 173 -17.65 -14.74 -5.97
N TYR A 174 -17.42 -14.64 -4.66
N TYR A 174 -17.45 -14.55 -4.67
CA TYR A 174 -18.43 -14.86 -3.63
CA TYR A 174 -18.49 -14.82 -3.71
C TYR A 174 -18.46 -13.68 -2.69
C TYR A 174 -18.46 -13.77 -2.61
N ASP A 175 -19.65 -13.32 -2.21
CA ASP A 175 -19.76 -12.31 -1.15
C ASP A 175 -19.08 -12.78 0.13
N GLU A 176 -19.13 -14.09 0.39
CA GLU A 176 -18.47 -14.68 1.55
C GLU A 176 -16.96 -14.55 1.50
N ALA A 177 -16.38 -14.64 0.31
CA ALA A 177 -14.93 -14.48 0.17
C ALA A 177 -14.55 -13.00 0.33
N LEU A 178 -15.35 -12.09 -0.26
CA LEU A 178 -15.10 -10.66 -0.05
C LEU A 178 -15.25 -10.28 1.43
N TRP A 179 -16.31 -10.77 2.06
CA TRP A 179 -16.50 -10.60 3.50
C TRP A 179 -15.30 -11.09 4.31
N ALA A 180 -14.82 -12.30 4.02
CA ALA A 180 -13.65 -12.80 4.71
C ALA A 180 -12.43 -11.90 4.52
N GLN A 181 -12.23 -11.37 3.32
CA GLN A 181 -11.13 -10.42 3.11
C GLN A 181 -11.31 -9.15 3.94
N ILE A 182 -12.50 -8.56 3.92
CA ILE A 182 -12.75 -7.32 4.65
C ILE A 182 -12.63 -7.55 6.15
N LYS A 183 -13.32 -8.59 6.66
N LYS A 183 -13.32 -8.58 6.66
CA LYS A 183 -13.39 -8.81 8.09
CA LYS A 183 -13.38 -8.81 8.09
C LYS A 183 -12.06 -9.28 8.67
C LYS A 183 -12.05 -9.29 8.67
N THR A 184 -11.31 -10.08 7.91
CA THR A 184 -9.94 -10.47 8.32
C THR A 184 -9.06 -9.20 8.40
N GLY A 185 -9.24 -8.26 7.48
CA GLY A 185 -8.50 -7.01 7.59
C GLY A 185 -8.86 -6.22 8.83
N VAL A 186 -10.14 -6.08 9.08
CA VAL A 186 -10.58 -5.37 10.26
C VAL A 186 -10.08 -6.06 11.53
N SER A 187 -10.14 -7.39 11.57
N SER A 187 -10.15 -7.39 11.59
CA SER A 187 -9.67 -8.11 12.75
CA SER A 187 -9.69 -8.09 12.79
C SER A 187 -8.17 -7.93 12.97
C SER A 187 -8.16 -7.95 12.98
N THR A 188 -7.42 -7.91 11.88
CA THR A 188 -5.95 -7.71 11.96
C THR A 188 -5.66 -6.31 12.53
N TYR A 189 -6.33 -5.26 12.00
CA TYR A 189 -6.17 -3.91 12.54
C TYR A 189 -6.50 -3.86 14.02
N ARG A 190 -7.62 -4.47 14.43
CA ARG A 190 -7.98 -4.46 15.84
C ARG A 190 -6.92 -5.16 16.70
N ARG A 191 -6.38 -6.27 16.20
N ARG A 191 -6.41 -6.28 16.18
CA ARG A 191 -5.38 -6.99 16.98
CA ARG A 191 -5.36 -7.06 16.82
C ARG A 191 -4.09 -6.18 17.15
C ARG A 191 -4.13 -6.21 17.11
N HIS A 192 -3.70 -5.47 16.10
CA HIS A 192 -2.47 -4.69 16.15
C HIS A 192 -2.56 -3.35 16.87
N PHE A 193 -3.73 -2.72 16.81
CA PHE A 193 -3.87 -1.32 17.23
C PHE A 193 -4.87 -1.15 18.36
N ALA A 194 -5.64 -2.18 18.71
CA ALA A 194 -6.61 -2.12 19.83
C ALA A 194 -7.68 -1.06 19.66
N LYS A 195 -8.00 -0.78 18.41
CA LYS A 195 -9.04 0.16 18.06
C LYS A 195 -9.75 -0.37 16.82
N ASP A 196 -10.99 0.04 16.64
CA ASP A 196 -11.72 -0.29 15.42
C ASP A 196 -11.38 0.69 14.30
N PRO A 197 -11.15 0.20 13.09
CA PRO A 197 -10.90 1.12 11.97
C PRO A 197 -12.21 1.69 11.43
N THR A 198 -12.21 2.98 11.09
CA THR A 198 -13.36 3.54 10.41
C THR A 198 -13.09 3.82 8.93
N GLY A 199 -11.81 3.96 8.57
CA GLY A 199 -11.43 4.12 7.17
C GLY A 199 -10.81 2.86 6.59
N PHE A 200 -10.94 2.73 5.27
CA PHE A 200 -10.55 1.50 4.56
C PHE A 200 -10.00 1.89 3.20
N TRP A 201 -8.89 1.27 2.82
CA TRP A 201 -8.35 1.43 1.48
C TRP A 201 -8.90 0.30 0.62
N LEU A 202 -9.75 0.60 -0.36
CA LEU A 202 -10.12 -0.42 -1.35
C LEU A 202 -8.90 -0.70 -2.21
N PRO A 203 -8.45 -1.96 -2.24
CA PRO A 203 -7.32 -2.26 -3.12
C PRO A 203 -7.58 -1.76 -4.56
N GLU A 204 -6.62 -1.01 -5.11
CA GLU A 204 -6.70 -0.43 -6.45
C GLU A 204 -7.90 0.49 -6.64
N MET A 205 -8.41 1.01 -5.52
CA MET A 205 -9.66 1.79 -5.50
C MET A 205 -10.78 1.06 -6.27
N ALA A 206 -10.74 -0.26 -6.25
CA ALA A 206 -11.62 -1.05 -7.12
C ALA A 206 -12.95 -1.30 -6.43
N TYR A 207 -14.01 -0.83 -7.09
CA TYR A 207 -15.33 -0.74 -6.51
C TYR A 207 -16.37 -1.37 -7.45
N ARG A 208 -17.38 -2.01 -6.86
CA ARG A 208 -18.52 -2.53 -7.61
C ARG A 208 -19.79 -2.22 -6.82
N PRO A 209 -20.80 -1.62 -7.46
CA PRO A 209 -22.06 -1.33 -6.76
C PRO A 209 -23.00 -2.52 -6.75
N LYS A 210 -24.07 -2.42 -5.98
CA LYS A 210 -25.11 -3.46 -5.93
C LYS A 210 -25.67 -3.69 -7.32
N GLY A 211 -26.01 -4.95 -7.62
CA GLY A 211 -26.70 -5.28 -8.86
C GLY A 211 -26.35 -6.66 -9.38
N PRO A 212 -27.02 -7.07 -10.48
CA PRO A 212 -26.74 -8.34 -11.14
C PRO A 212 -25.26 -8.49 -11.45
N TRP A 213 -24.74 -9.70 -11.26
CA TRP A 213 -23.34 -9.96 -11.50
C TRP A 213 -23.16 -11.30 -12.16
N LYS A 214 -22.41 -11.33 -13.25
CA LYS A 214 -22.05 -12.57 -13.92
C LYS A 214 -20.53 -12.72 -13.89
N PRO A 215 -20.02 -13.88 -13.40
CA PRO A 215 -18.56 -14.03 -13.32
C PRO A 215 -17.93 -14.07 -14.71
N PRO A 216 -16.69 -13.56 -14.82
CA PRO A 216 -15.99 -13.52 -16.11
C PRO A 216 -15.46 -14.90 -16.52
N VAL A 217 -15.42 -15.82 -15.57
CA VAL A 217 -14.99 -17.20 -15.77
C VAL A 217 -15.92 -18.11 -14.95
N GLU A 218 -16.10 -19.35 -15.39
CA GLU A 218 -16.85 -20.35 -14.61
C GLU A 218 -16.08 -20.65 -13.31
N GLY A 219 -16.77 -21.00 -12.22
CA GLY A 219 -18.22 -20.96 -12.09
C GLY A 219 -18.69 -20.53 -10.69
N PRO A 220 -18.41 -19.26 -10.29
CA PRO A 220 -19.31 -18.76 -9.27
C PRO A 220 -20.65 -18.51 -9.96
N PRO A 221 -21.74 -18.55 -9.20
CA PRO A 221 -23.03 -18.27 -9.81
C PRO A 221 -23.29 -16.78 -10.07
N GLU A 222 -24.03 -16.53 -11.15
CA GLU A 222 -24.59 -15.23 -11.53
C GLU A 222 -25.78 -14.97 -10.59
N GLY A 223 -25.94 -13.72 -10.14
CA GLY A 223 -27.08 -13.28 -9.29
C GLY A 223 -26.83 -11.84 -8.82
N VAL A 224 -27.85 -11.21 -8.23
CA VAL A 224 -27.70 -9.85 -7.64
C VAL A 224 -26.78 -9.93 -6.42
N ARG A 225 -25.77 -9.10 -6.39
CA ARG A 225 -24.84 -9.03 -5.27
C ARG A 225 -24.93 -7.66 -4.60
N PRO A 226 -24.71 -7.59 -3.28
CA PRO A 226 -24.63 -6.28 -2.63
C PRO A 226 -23.41 -5.51 -3.14
N GLY A 227 -23.44 -4.19 -3.02
CA GLY A 227 -22.29 -3.36 -3.37
C GLY A 227 -21.16 -3.61 -2.38
N VAL A 228 -19.92 -3.37 -2.83
CA VAL A 228 -18.78 -3.49 -1.94
C VAL A 228 -18.96 -2.60 -0.71
N ASP A 229 -19.55 -1.42 -0.91
CA ASP A 229 -19.83 -0.48 0.17
C ASP A 229 -20.76 -1.00 1.24
N GLU A 230 -21.70 -1.88 0.86
CA GLU A 230 -22.63 -2.44 1.83
C GLU A 230 -21.92 -3.39 2.78
N LEU A 231 -20.98 -4.18 2.24
CA LEU A 231 -20.21 -5.07 3.10
C LEU A 231 -19.27 -4.25 3.98
N LEU A 232 -18.69 -3.17 3.43
CA LEU A 232 -17.87 -2.28 4.27
C LEU A 232 -18.63 -1.71 5.47
N MET A 233 -19.83 -1.18 5.22
CA MET A 233 -20.68 -0.65 6.28
C MET A 233 -20.96 -1.72 7.35
N ARG A 234 -21.24 -2.95 6.92
CA ARG A 234 -21.54 -4.03 7.85
C ARG A 234 -20.32 -4.37 8.74
N ALA A 235 -19.11 -4.17 8.20
CA ALA A 235 -17.88 -4.40 8.95
C ALA A 235 -17.45 -3.21 9.81
N GLY A 236 -18.26 -2.16 9.87
CA GLY A 236 -17.98 -0.97 10.71
C GLY A 236 -17.17 0.12 10.02
N ILE A 237 -16.83 -0.11 8.76
CA ILE A 237 -16.13 0.90 7.94
C ILE A 237 -17.13 1.97 7.53
N ARG A 238 -16.66 3.22 7.56
CA ARG A 238 -17.53 4.37 7.27
C ARG A 238 -17.10 5.18 6.05
N TYR A 239 -15.86 5.01 5.58
CA TYR A 239 -15.42 5.75 4.40
C TYR A 239 -14.27 5.06 3.67
N THR A 240 -14.18 5.31 2.37
CA THR A 240 -13.09 4.83 1.55
C THR A 240 -12.82 5.87 0.44
N PHE A 241 -12.01 5.46 -0.53
CA PHE A 241 -11.41 6.37 -1.50
C PHE A 241 -11.53 5.80 -2.88
N VAL A 242 -12.02 6.60 -3.82
CA VAL A 242 -12.25 6.14 -5.19
C VAL A 242 -11.61 7.10 -6.17
N ASP A 243 -11.46 6.67 -7.43
CA ASP A 243 -10.87 7.55 -8.44
C ASP A 243 -11.85 8.62 -8.95
N ALA A 244 -11.27 9.69 -9.49
CA ALA A 244 -12.02 10.85 -9.98
C ALA A 244 -13.19 10.48 -10.88
N HIS A 245 -12.95 9.56 -11.83
CA HIS A 245 -13.96 9.28 -12.85
C HIS A 245 -15.19 8.56 -12.29
N LEU A 246 -15.05 7.97 -11.09
CA LEU A 246 -16.23 7.38 -10.44
C LEU A 246 -17.23 8.41 -9.94
N VAL A 247 -16.79 9.64 -9.69
CA VAL A 247 -17.70 10.70 -9.24
C VAL A 247 -18.01 11.75 -10.31
N GLN A 248 -17.08 11.95 -11.26
CA GLN A 248 -17.26 13.00 -12.29
C GLN A 248 -17.55 12.47 -13.69
N GLY A 249 -17.51 11.15 -13.84
CA GLY A 249 -17.67 10.52 -15.15
C GLY A 249 -16.45 10.78 -16.03
N GLY A 250 -16.67 10.63 -17.35
CA GLY A 250 -15.61 10.86 -18.33
C GLY A 250 -14.45 9.88 -18.27
N GLU A 251 -13.33 10.30 -18.86
CA GLU A 251 -12.13 9.48 -19.00
C GLU A 251 -11.43 9.17 -17.67
N PRO A 252 -10.79 8.00 -17.57
CA PRO A 252 -10.03 7.71 -16.35
C PRO A 252 -8.71 8.47 -16.30
N LEU A 253 -8.29 8.85 -15.09
CA LEU A 253 -7.01 9.55 -14.87
C LEU A 253 -5.81 8.72 -15.34
N SER A 254 -5.90 7.40 -15.19
CA SER A 254 -4.84 6.50 -15.64
C SER A 254 -5.17 5.91 -17.01
N PRO A 263 -6.26 15.28 -21.42
CA PRO A 263 -5.76 15.26 -20.03
C PRO A 263 -6.87 15.48 -19.00
N VAL A 264 -7.23 14.44 -18.27
CA VAL A 264 -8.35 14.48 -17.33
C VAL A 264 -8.27 15.64 -16.33
N GLU A 265 -9.22 16.57 -16.44
CA GLU A 265 -9.29 17.72 -15.53
C GLU A 265 -10.00 17.34 -14.22
N SER A 266 -10.04 18.28 -13.27
CA SER A 266 -10.68 18.04 -11.98
C SER A 266 -11.99 18.80 -11.90
N GLN A 267 -13.09 18.09 -12.15
CA GLN A 267 -14.42 18.68 -12.07
CA GLN A 267 -14.40 18.71 -12.09
C GLN A 267 -14.84 18.93 -10.63
N GLU A 268 -15.80 19.82 -10.45
CA GLU A 268 -16.38 20.17 -9.16
C GLU A 268 -16.63 18.98 -8.22
N ALA A 269 -17.26 17.94 -8.74
CA ALA A 269 -17.66 16.78 -7.93
C ALA A 269 -16.52 16.16 -7.13
N THR A 270 -15.30 16.25 -7.66
CA THR A 270 -14.14 15.65 -6.98
C THR A 270 -13.74 16.37 -5.68
N TYR A 271 -14.23 17.59 -5.48
CA TYR A 271 -13.95 18.36 -4.28
C TYR A 271 -15.00 18.24 -3.18
N HIS A 272 -15.95 17.33 -3.38
CA HIS A 272 -17.08 17.14 -2.45
C HIS A 272 -16.93 15.78 -1.77
N VAL A 273 -17.49 15.67 -0.56
CA VAL A 273 -17.68 14.36 0.10
C VAL A 273 -18.93 13.75 -0.54
N HIS A 274 -18.87 12.47 -0.83
CA HIS A 274 -20.02 11.77 -1.36
C HIS A 274 -20.52 10.74 -0.39
N GLU A 275 -21.84 10.67 -0.25
CA GLU A 275 -22.49 9.63 0.55
C GLU A 275 -23.32 8.71 -0.34
N LEU A 276 -23.11 7.40 -0.16
CA LEU A 276 -23.82 6.41 -0.96
C LEU A 276 -25.10 6.00 -0.22
N GLU A 277 -26.00 5.33 -0.92
CA GLU A 277 -27.25 4.89 -0.32
C GLU A 277 -27.05 4.06 0.96
N SER A 278 -25.99 3.25 1.00
CA SER A 278 -25.64 2.44 2.16
C SER A 278 -25.24 3.27 3.38
N GLY A 279 -24.91 4.55 3.15
CA GLY A 279 -24.43 5.41 4.22
C GLY A 279 -22.90 5.58 4.23
N LEU A 280 -22.21 4.77 3.44
CA LEU A 280 -20.76 4.91 3.29
C LEU A 280 -20.41 6.24 2.63
N ARG A 281 -19.32 6.86 3.08
CA ARG A 281 -18.83 8.09 2.44
C ARG A 281 -17.55 7.81 1.66
N VAL A 282 -17.36 8.51 0.54
CA VAL A 282 -16.15 8.40 -0.25
C VAL A 282 -15.61 9.79 -0.61
N LEU A 283 -14.29 9.80 -0.74
CA LEU A 283 -13.55 10.91 -1.33
C LEU A 283 -12.96 10.47 -2.66
N ALA A 284 -12.84 11.41 -3.60
CA ALA A 284 -12.32 11.11 -4.93
C ALA A 284 -10.92 11.67 -5.14
N ARG A 285 -10.07 10.88 -5.80
CA ARG A 285 -8.69 11.26 -6.09
C ARG A 285 -8.62 12.57 -6.88
N ASN A 286 -7.79 13.49 -6.38
CA ASN A 286 -7.54 14.74 -7.08
C ASN A 286 -6.53 14.55 -8.23
N PRO A 287 -6.92 14.91 -9.46
CA PRO A 287 -6.05 14.73 -10.63
C PRO A 287 -4.73 15.51 -10.58
N GLU A 288 -4.83 16.80 -10.27
CA GLU A 288 -3.65 17.67 -10.37
C GLU A 288 -2.52 17.24 -9.46
N THR A 289 -2.86 16.92 -8.21
CA THR A 289 -1.81 16.56 -7.23
C THR A 289 -1.22 15.19 -7.50
N THR A 290 -1.98 14.33 -8.17
CA THR A 290 -1.48 13.03 -8.58
C THR A 290 -0.44 13.18 -9.69
N LEU A 291 -0.82 13.91 -10.73
CA LEU A 291 0.07 14.16 -11.86
C LEU A 291 1.35 14.87 -11.45
N GLN A 292 1.22 15.85 -10.55
CA GLN A 292 2.35 16.69 -10.12
C GLN A 292 3.45 15.84 -9.46
N VAL A 293 3.05 14.73 -8.83
CA VAL A 293 3.99 13.79 -8.22
C VAL A 293 4.35 12.60 -9.13
N TRP A 294 3.35 12.04 -9.80
CA TRP A 294 3.50 10.80 -10.58
C TRP A 294 3.91 10.96 -12.04
N SER A 295 3.69 12.14 -12.63
CA SER A 295 3.96 12.33 -14.05
C SER A 295 5.38 11.90 -14.39
N ALA A 296 5.49 11.02 -15.38
CA ALA A 296 6.79 10.60 -15.87
C ALA A 296 7.55 11.76 -16.53
N ASP A 297 6.81 12.83 -16.90
CA ASP A 297 7.39 13.95 -17.63
C ASP A 297 7.63 15.20 -16.81
N TYR A 298 6.79 15.43 -15.80
CA TYR A 298 6.97 16.61 -14.95
C TYR A 298 6.80 16.37 -13.46
N GLY A 299 6.69 15.10 -13.07
CA GLY A 299 6.60 14.78 -11.66
C GLY A 299 7.90 15.08 -10.96
N TYR A 300 7.83 15.47 -9.69
CA TYR A 300 9.04 15.83 -8.93
C TYR A 300 10.16 14.81 -8.99
N PRO A 301 9.85 13.49 -8.93
CA PRO A 301 10.93 12.50 -8.89
C PRO A 301 11.88 12.53 -10.09
N GLY A 302 11.46 13.13 -11.20
CA GLY A 302 12.28 13.21 -12.42
C GLY A 302 13.25 14.38 -12.45
N GLU A 303 13.20 15.22 -11.42
CA GLU A 303 14.18 16.30 -11.26
C GLU A 303 15.63 15.74 -11.25
N GLY A 304 16.51 16.39 -12.00
CA GLY A 304 17.86 15.90 -12.23
C GLY A 304 18.75 15.67 -11.03
N LEU A 305 18.53 16.41 -9.95
CA LEU A 305 19.32 16.25 -8.72
C LEU A 305 19.00 15.00 -7.93
N TYR A 306 17.81 14.44 -8.11
CA TYR A 306 17.37 13.32 -7.26
C TYR A 306 18.05 12.00 -7.59
N ARG A 307 18.13 11.13 -6.59
CA ARG A 307 18.85 9.88 -6.77
C ARG A 307 18.17 8.99 -7.82
N GLU A 308 18.97 8.50 -8.75
CA GLU A 308 18.49 7.62 -9.81
C GLU A 308 18.27 6.20 -9.27
N PHE A 309 17.07 5.65 -9.39
CA PHE A 309 16.83 4.30 -8.87
C PHE A 309 17.50 3.20 -9.68
N HIS A 310 17.57 3.38 -10.99
CA HIS A 310 17.79 2.25 -11.89
C HIS A 310 19.23 2.00 -12.28
N ARG A 311 20.16 2.80 -11.76
CA ARG A 311 21.59 2.51 -11.92
C ARG A 311 22.15 2.02 -10.60
N LYS A 312 22.68 0.81 -10.63
CA LYS A 312 23.19 0.14 -9.44
C LYS A 312 24.69 -0.05 -9.55
N ASP A 313 25.35 -0.05 -8.39
CA ASP A 313 26.80 -0.20 -8.40
C ASP A 313 27.13 -1.63 -8.83
N PRO A 314 28.14 -1.82 -9.72
CA PRO A 314 28.45 -3.18 -10.18
C PRO A 314 28.93 -4.13 -9.08
N LEU A 315 29.49 -3.59 -8.00
CA LEU A 315 29.99 -4.44 -6.92
C LEU A 315 29.02 -4.54 -5.77
N SER A 316 28.35 -3.46 -5.42
CA SER A 316 27.55 -3.45 -4.20
C SER A 316 26.05 -3.41 -4.42
N GLY A 317 25.62 -3.01 -5.61
CA GLY A 317 24.20 -2.76 -5.88
C GLY A 317 23.65 -1.48 -5.27
N LEU A 318 24.49 -0.65 -4.65
CA LEU A 318 24.00 0.59 -4.10
C LEU A 318 23.79 1.65 -5.19
N HIS A 319 22.98 2.66 -4.88
CA HIS A 319 22.65 3.69 -5.86
C HIS A 319 23.49 4.96 -5.62
N HIS A 320 24.45 5.25 -6.50
CA HIS A 320 25.36 6.39 -6.32
C HIS A 320 25.21 7.47 -7.39
N TRP A 321 24.13 7.42 -8.19
CA TRP A 321 23.98 8.32 -9.33
C TRP A 321 22.68 9.07 -9.22
N ARG A 322 22.64 10.22 -9.91
CA ARG A 322 21.43 11.05 -9.94
C ARG A 322 20.72 10.99 -11.29
N VAL A 323 19.43 11.34 -11.26
CA VAL A 323 18.59 11.25 -12.46
C VAL A 323 19.24 11.96 -13.65
N THR A 324 19.77 13.17 -13.40
CA THR A 324 20.54 13.98 -14.38
C THR A 324 19.61 14.63 -15.41
N HIS A 325 18.95 13.79 -16.21
CA HIS A 325 17.85 14.21 -17.10
C HIS A 325 16.91 13.02 -17.27
N ARG A 326 15.61 13.27 -17.43
CA ARG A 326 14.62 12.19 -17.59
C ARG A 326 14.92 11.25 -18.75
N LYS A 327 15.49 11.78 -19.82
CA LYS A 327 15.81 11.01 -21.02
C LYS A 327 17.23 10.41 -21.03
N ALA A 328 17.99 10.61 -19.95
CA ALA A 328 19.39 10.16 -19.90
C ALA A 328 19.51 8.64 -19.92
N ASP A 329 20.48 8.14 -20.67
CA ASP A 329 20.85 6.72 -20.59
C ASP A 329 21.48 6.47 -19.21
N LEU A 330 21.45 5.22 -18.75
CA LEU A 330 22.06 4.89 -17.46
C LEU A 330 23.53 5.32 -17.44
N ALA A 331 24.23 5.09 -18.55
CA ALA A 331 25.66 5.40 -18.61
C ALA A 331 25.95 6.90 -18.52
N GLU A 332 24.95 7.73 -18.82
CA GLU A 332 25.06 9.19 -18.79
C GLU A 332 24.71 9.81 -17.43
N LYS A 333 24.31 8.99 -16.47
CA LYS A 333 23.90 9.51 -15.16
C LYS A 333 25.12 10.04 -14.41
N ALA A 334 25.00 11.25 -13.87
CA ALA A 334 26.04 11.91 -13.08
C ALA A 334 26.08 11.39 -11.64
N PRO A 335 27.23 11.54 -10.96
CA PRO A 335 27.32 11.20 -9.54
C PRO A 335 26.24 11.90 -8.67
N TYR A 336 25.72 11.17 -7.68
CA TYR A 336 24.72 11.72 -6.77
C TYR A 336 25.34 12.65 -5.73
N ASP A 337 24.74 13.84 -5.54
CA ASP A 337 25.09 14.80 -4.46
C ASP A 337 23.90 14.82 -3.51
N PRO A 338 24.02 14.13 -2.36
CA PRO A 338 22.88 14.08 -1.44
C PRO A 338 22.45 15.44 -0.89
N GLU A 339 23.41 16.31 -0.60
N GLU A 339 23.42 16.30 -0.56
CA GLU A 339 23.11 17.61 -0.01
CA GLU A 339 23.13 17.65 -0.03
C GLU A 339 22.24 18.47 -0.94
C GLU A 339 22.20 18.42 -0.96
N ALA A 340 22.60 18.53 -2.22
CA ALA A 340 21.84 19.30 -3.21
C ALA A 340 20.46 18.68 -3.44
N ALA A 341 20.39 17.35 -3.46
CA ALA A 341 19.14 16.64 -3.69
C ALA A 341 18.12 16.87 -2.57
N PHE A 342 18.54 16.70 -1.31
CA PHE A 342 17.64 16.96 -0.19
C PHE A 342 17.21 18.42 -0.08
N ALA A 343 18.12 19.32 -0.41
CA ALA A 343 17.79 20.72 -0.39
C ALA A 343 16.68 21.04 -1.40
N LYS A 344 16.73 20.37 -2.55
CA LYS A 344 15.73 20.59 -3.61
C LYS A 344 14.30 20.31 -3.15
N THR A 345 14.14 19.35 -2.24
CA THR A 345 12.80 19.02 -1.76
C THR A 345 12.07 20.22 -1.17
N GLU A 346 12.80 21.20 -0.62
CA GLU A 346 12.17 22.38 -0.03
C GLU A 346 11.48 23.20 -1.10
N GLU A 347 12.14 23.37 -2.25
CA GLU A 347 11.55 24.11 -3.36
C GLU A 347 10.32 23.37 -3.90
N HIS A 348 10.44 22.04 -4.04
CA HIS A 348 9.30 21.26 -4.52
C HIS A 348 8.13 21.24 -3.54
N ALA A 349 8.43 21.33 -2.23
CA ALA A 349 7.39 21.43 -1.22
C ALA A 349 6.62 22.74 -1.36
N ARG A 350 7.33 23.85 -1.57
N ARG A 350 7.34 23.85 -1.56
CA ARG A 350 6.67 25.12 -1.81
CA ARG A 350 6.67 25.12 -1.81
C ARG A 350 5.86 25.10 -3.09
C ARG A 350 5.85 25.09 -3.09
N HIS A 351 6.39 24.46 -4.14
CA HIS A 351 5.70 24.38 -5.43
C HIS A 351 4.38 23.62 -5.28
N PHE A 352 4.43 22.51 -4.57
CA PHE A 352 3.25 21.68 -4.33
C PHE A 352 2.20 22.42 -3.53
N VAL A 353 2.64 23.10 -2.47
CA VAL A 353 1.71 23.90 -1.66
C VAL A 353 1.08 25.02 -2.49
N GLY A 354 1.85 25.61 -3.42
CA GLY A 354 1.30 26.58 -4.38
C GLY A 354 0.15 26.00 -5.18
N LEU A 355 0.33 24.76 -5.65
CA LEU A 355 -0.75 24.08 -6.37
C LEU A 355 -1.98 23.89 -5.48
N LEU A 356 -1.78 23.42 -4.24
CA LEU A 356 -2.90 23.26 -3.32
C LEU A 356 -3.63 24.60 -3.12
N GLU A 357 -2.88 25.70 -2.98
CA GLU A 357 -3.51 27.00 -2.83
C GLU A 357 -4.37 27.37 -4.04
N ARG A 358 -3.89 27.06 -5.25
CA ARG A 358 -4.64 27.36 -6.49
C ARG A 358 -5.92 26.52 -6.50
N LEU A 359 -5.81 25.26 -6.10
CA LEU A 359 -6.99 24.39 -6.01
C LEU A 359 -7.98 24.89 -4.97
N ALA A 360 -7.48 25.33 -3.82
CA ALA A 360 -8.31 25.91 -2.76
C ALA A 360 -9.05 27.18 -3.20
N GLY A 361 -8.42 28.00 -4.04
CA GLY A 361 -9.07 29.19 -4.59
C GLY A 361 -10.18 28.86 -5.55
N ARG A 362 -10.00 27.77 -6.30
CA ARG A 362 -11.02 27.31 -7.23
C ARG A 362 -12.18 26.62 -6.53
N HIS A 363 -11.90 26.00 -5.37
CA HIS A 363 -12.89 25.21 -4.64
C HIS A 363 -12.90 25.58 -3.16
N PRO A 364 -13.52 26.72 -2.83
CA PRO A 364 -13.58 27.24 -1.47
C PRO A 364 -14.13 26.19 -0.51
N GLU A 365 -13.36 25.94 0.55
CA GLU A 365 -13.72 24.99 1.59
C GLU A 365 -13.92 23.56 1.05
N GLY A 366 -13.38 23.26 -0.13
CA GLY A 366 -13.49 21.91 -0.70
C GLY A 366 -12.52 20.90 -0.11
N VAL A 367 -12.60 19.65 -0.57
CA VAL A 367 -11.67 18.59 -0.14
C VAL A 367 -10.75 18.15 -1.27
N ILE A 368 -9.44 18.15 -0.99
CA ILE A 368 -8.45 17.74 -1.97
C ILE A 368 -7.88 16.42 -1.43
N LEU A 369 -8.21 15.31 -2.10
CA LEU A 369 -7.67 14.01 -1.71
C LEU A 369 -6.46 13.72 -2.56
N SER A 370 -5.33 13.47 -1.90
CA SER A 370 -4.07 13.15 -2.59
C SER A 370 -3.59 11.80 -2.09
N PRO A 371 -3.98 10.72 -2.79
CA PRO A 371 -3.70 9.34 -2.34
C PRO A 371 -2.61 8.71 -3.19
N TYR A 372 -1.63 8.07 -2.54
CA TYR A 372 -0.46 7.55 -3.24
C TYR A 372 -0.04 6.22 -2.65
N ASP A 373 0.52 5.33 -3.48
N ASP A 373 0.55 5.36 -3.48
CA ASP A 373 1.24 4.17 -2.95
CA ASP A 373 1.29 4.22 -2.93
C ASP A 373 2.42 4.69 -2.10
C ASP A 373 2.40 4.78 -2.05
N ALA A 374 2.53 4.27 -0.84
CA ALA A 374 3.48 4.88 0.11
C ALA A 374 4.93 4.76 -0.33
N GLU A 375 5.28 3.62 -0.94
CA GLU A 375 6.69 3.30 -1.22
C GLU A 375 7.25 4.17 -2.35
N LEU A 376 6.39 4.90 -3.08
CA LEU A 376 6.87 5.97 -3.94
C LEU A 376 7.80 6.89 -3.16
N PHE A 377 7.43 7.19 -1.91
CA PHE A 377 8.22 8.11 -1.09
C PHE A 377 9.28 7.38 -0.30
N GLY A 378 10.50 7.77 -0.57
CA GLY A 378 11.65 7.23 0.16
C GLY A 378 12.32 6.08 -0.53
N HIS A 379 11.53 5.22 -1.19
CA HIS A 379 12.05 4.09 -1.91
C HIS A 379 12.26 4.43 -3.38
N TRP A 380 11.19 4.52 -4.19
CA TRP A 380 11.38 4.86 -5.59
C TRP A 380 11.93 6.28 -5.78
N TRP A 381 11.34 7.25 -5.10
CA TRP A 381 11.82 8.63 -5.05
C TRP A 381 12.50 8.74 -3.70
N TYR A 382 13.83 8.63 -3.69
CA TYR A 382 14.56 8.47 -2.44
C TYR A 382 14.30 9.65 -1.49
N GLU A 383 14.24 10.87 -2.04
CA GLU A 383 14.08 12.09 -1.24
C GLU A 383 12.62 12.40 -0.91
N GLY A 384 11.70 11.51 -1.28
CA GLY A 384 10.27 11.79 -1.18
C GLY A 384 9.76 11.88 0.25
N VAL A 385 10.33 11.15 1.19
CA VAL A 385 9.89 11.31 2.59
C VAL A 385 10.28 12.68 3.14
N ALA A 386 11.48 13.15 2.79
CA ALA A 386 11.85 14.53 3.14
C ALA A 386 10.87 15.53 2.53
N TRP A 387 10.47 15.30 1.27
CA TRP A 387 9.45 16.16 0.64
C TRP A 387 8.14 16.14 1.44
N LEU A 388 7.68 14.97 1.83
CA LEU A 388 6.45 14.87 2.61
C LEU A 388 6.55 15.69 3.87
N GLU A 389 7.66 15.54 4.60
CA GLU A 389 7.85 16.26 5.84
C GLU A 389 7.80 17.77 5.61
N ALA A 390 8.47 18.23 4.55
CA ALA A 390 8.49 19.66 4.23
C ALA A 390 7.09 20.17 3.87
N VAL A 391 6.33 19.41 3.10
CA VAL A 391 4.96 19.77 2.74
C VAL A 391 4.09 19.90 4.00
N LEU A 392 4.19 18.91 4.88
CA LEU A 392 3.37 18.90 6.09
C LEU A 392 3.71 20.10 6.98
N ARG A 393 5.00 20.41 7.12
CA ARG A 393 5.40 21.54 7.93
C ARG A 393 4.91 22.85 7.36
N LEU A 394 4.93 22.99 6.03
CA LEU A 394 4.33 24.18 5.40
C LEU A 394 2.82 24.26 5.62
N LEU A 395 2.13 23.12 5.53
CA LEU A 395 0.67 23.14 5.61
C LEU A 395 0.17 23.39 7.02
N ALA A 396 1.00 23.05 8.01
CA ALA A 396 0.68 23.37 9.41
C ALA A 396 0.51 24.88 9.62
N GLN A 397 1.12 25.70 8.76
CA GLN A 397 1.11 27.15 8.93
C GLN A 397 0.34 27.85 7.83
N ASN A 398 -0.29 27.10 6.94
CA ASN A 398 -0.92 27.68 5.76
C ASN A 398 -2.32 28.21 6.06
N PRO A 399 -2.57 29.48 5.69
CA PRO A 399 -3.86 30.12 5.95
C PRO A 399 -5.00 29.72 4.99
N LYS A 400 -4.69 28.96 3.94
CA LYS A 400 -5.68 28.64 2.90
C LYS A 400 -6.04 27.15 2.84
N VAL A 401 -5.15 26.29 3.30
CA VAL A 401 -5.28 24.83 3.13
C VAL A 401 -4.93 24.20 4.48
N ARG A 402 -5.87 23.44 5.04
CA ARG A 402 -5.66 22.68 6.29
C ARG A 402 -5.44 21.17 6.03
N PRO A 403 -4.32 20.63 6.52
CA PRO A 403 -4.11 19.18 6.44
C PRO A 403 -5.03 18.47 7.44
N VAL A 404 -5.76 17.47 6.96
CA VAL A 404 -6.68 16.70 7.83
C VAL A 404 -6.58 15.22 7.61
N THR A 405 -6.97 14.47 8.63
CA THR A 405 -7.25 13.03 8.46
C THR A 405 -8.46 12.80 7.56
N ALA A 406 -8.58 11.58 7.05
CA ALA A 406 -9.74 11.18 6.26
C ALA A 406 -11.02 11.27 7.11
N ARG A 407 -10.93 10.85 8.38
CA ARG A 407 -12.04 10.90 9.32
C ARG A 407 -12.63 12.33 9.37
N GLU A 408 -11.76 13.33 9.47
CA GLU A 408 -12.20 14.72 9.49
C GLU A 408 -12.66 15.18 8.10
N ALA A 409 -11.95 14.77 7.06
CA ALA A 409 -12.26 15.18 5.67
C ALA A 409 -13.69 14.83 5.26
N VAL A 410 -14.19 13.68 5.73
CA VAL A 410 -15.51 13.22 5.32
C VAL A 410 -16.66 13.79 6.12
N GLN A 411 -16.37 14.63 7.11
CA GLN A 411 -17.43 15.28 7.90
C GLN A 411 -18.14 16.36 7.11
N GLY A 412 -19.36 16.67 7.54
CA GLY A 412 -20.14 17.78 6.96
C GLY A 412 -21.00 17.37 5.78
N PRO A 413 -21.46 18.34 4.99
CA PRO A 413 -22.35 18.03 3.87
C PRO A 413 -21.75 17.12 2.82
N ALA A 414 -22.53 16.14 2.40
CA ALA A 414 -22.14 15.20 1.35
C ALA A 414 -23.16 15.20 0.22
N VAL A 415 -22.66 15.03 -1.00
CA VAL A 415 -23.51 14.85 -2.17
C VAL A 415 -24.02 13.41 -2.11
N ARG A 416 -25.31 13.21 -2.35
CA ARG A 416 -25.86 11.85 -2.49
C ARG A 416 -25.51 11.32 -3.86
N THR A 417 -24.80 10.19 -3.89
CA THR A 417 -24.18 9.73 -5.12
C THR A 417 -24.25 8.22 -5.23
N ALA A 418 -24.46 7.74 -6.46
CA ALA A 418 -24.25 6.33 -6.79
C ALA A 418 -23.01 6.22 -7.69
N LEU A 419 -22.15 5.27 -7.36
CA LEU A 419 -20.89 5.12 -8.08
C LEU A 419 -20.96 3.96 -9.08
N PRO A 420 -20.40 4.17 -10.30
CA PRO A 420 -20.26 3.08 -11.25
C PRO A 420 -19.09 2.19 -10.85
N GLU A 421 -19.05 0.99 -11.40
CA GLU A 421 -17.96 0.06 -11.22
C GLU A 421 -16.68 0.61 -11.85
N GLY A 422 -15.54 0.45 -11.18
CA GLY A 422 -14.28 0.88 -11.77
C GLY A 422 -13.12 0.73 -10.79
N SER A 423 -11.99 1.33 -11.15
CA SER A 423 -10.76 1.25 -10.32
C SER A 423 -9.90 2.45 -10.67
N TRP A 424 -8.78 2.58 -9.96
CA TRP A 424 -7.81 3.61 -10.32
C TRP A 424 -6.73 3.10 -11.27
N GLY A 425 -6.91 1.88 -11.76
CA GLY A 425 -5.94 1.29 -12.67
C GLY A 425 -6.06 1.85 -14.07
N ARG A 426 -5.15 1.41 -14.94
CA ARG A 426 -5.15 1.81 -16.35
C ARG A 426 -6.52 1.52 -16.99
N GLY A 427 -7.09 2.50 -17.67
CA GLY A 427 -8.41 2.34 -18.26
C GLY A 427 -9.56 2.57 -17.30
N GLY A 428 -9.24 2.69 -16.01
CA GLY A 428 -10.26 2.97 -14.97
C GLY A 428 -11.23 1.82 -14.70
N ASP A 429 -10.93 0.65 -15.26
CA ASP A 429 -11.76 -0.53 -15.08
C ASP A 429 -10.87 -1.67 -14.61
N HIS A 430 -11.25 -2.91 -14.95
CA HIS A 430 -10.52 -4.08 -14.42
C HIS A 430 -9.51 -4.68 -15.37
N ARG A 431 -9.22 -4.02 -16.49
CA ARG A 431 -8.40 -4.61 -17.56
C ARG A 431 -7.01 -5.09 -17.11
N VAL A 432 -6.43 -4.38 -16.16
CA VAL A 432 -5.10 -4.73 -15.66
C VAL A 432 -5.12 -6.12 -14.98
N TRP A 433 -6.23 -6.44 -14.30
CA TRP A 433 -6.34 -7.66 -13.49
C TRP A 433 -7.18 -8.76 -14.13
N LEU A 434 -8.02 -8.38 -15.09
CA LEU A 434 -8.83 -9.37 -15.81
C LEU A 434 -8.59 -9.23 -17.30
N ASN A 435 -7.87 -10.21 -17.84
CA ASN A 435 -7.45 -10.20 -19.23
C ASN A 435 -7.11 -11.63 -19.61
N GLU A 436 -6.71 -11.84 -20.86
CA GLU A 436 -6.45 -13.20 -21.34
C GLU A 436 -5.41 -13.96 -20.51
N LYS A 437 -4.46 -13.22 -19.93
CA LYS A 437 -3.37 -13.84 -19.19
C LYS A 437 -3.68 -14.14 -17.72
N THR A 438 -4.85 -13.71 -17.25
CA THR A 438 -5.27 -13.97 -15.88
C THR A 438 -6.51 -14.85 -15.77
N LEU A 439 -7.01 -15.34 -16.90
CA LEU A 439 -8.19 -16.19 -16.84
C LEU A 439 -7.92 -17.48 -16.06
N ASP A 440 -6.73 -18.06 -16.23
CA ASP A 440 -6.31 -19.24 -15.44
C ASP A 440 -6.29 -18.91 -13.96
N TYR A 441 -5.70 -17.77 -13.62
CA TYR A 441 -5.71 -17.26 -12.25
C TYR A 441 -7.12 -17.17 -11.68
N TRP A 442 -8.04 -16.51 -12.39
CA TRP A 442 -9.38 -16.34 -11.85
C TRP A 442 -10.14 -17.65 -11.71
N GLU A 443 -9.89 -18.58 -12.63
CA GLU A 443 -10.45 -19.91 -12.57
C GLU A 443 -10.07 -20.58 -11.25
N LYS A 444 -8.79 -20.49 -10.88
CA LYS A 444 -8.32 -21.10 -9.64
C LYS A 444 -8.90 -20.41 -8.41
N VAL A 445 -8.92 -19.07 -8.44
CA VAL A 445 -9.50 -18.30 -7.35
C VAL A 445 -10.95 -18.75 -7.11
N TYR A 446 -11.73 -18.83 -8.20
CA TYR A 446 -13.15 -19.14 -8.06
C TYR A 446 -13.38 -20.55 -7.54
N ARG A 447 -12.58 -21.50 -8.03
CA ARG A 447 -12.67 -22.88 -7.58
C ARG A 447 -12.30 -22.98 -6.10
N ALA A 448 -11.22 -22.31 -5.69
CA ALA A 448 -10.81 -22.31 -4.30
C ALA A 448 -11.83 -21.63 -3.39
N GLU A 449 -12.40 -20.49 -3.85
CA GLU A 449 -13.40 -19.79 -3.02
C GLU A 449 -14.61 -20.69 -2.75
N GLY A 450 -15.10 -21.37 -3.81
CA GLY A 450 -16.22 -22.30 -3.66
C GLY A 450 -15.91 -23.43 -2.71
N ALA A 451 -14.70 -24.01 -2.86
CA ALA A 451 -14.30 -25.13 -2.02
C ALA A 451 -14.08 -24.72 -0.58
N MET A 452 -13.59 -23.49 -0.35
CA MET A 452 -13.36 -23.01 1.02
C MET A 452 -14.68 -22.89 1.75
N ARG A 453 -15.67 -22.30 1.09
N ARG A 453 -15.67 -22.33 1.07
CA ARG A 453 -17.00 -22.15 1.69
CA ARG A 453 -16.99 -22.13 1.66
C ARG A 453 -17.51 -23.52 2.12
C ARG A 453 -17.67 -23.45 2.02
N GLU A 454 -17.50 -24.47 1.17
CA GLU A 454 -18.01 -25.81 1.46
C GLU A 454 -17.26 -26.47 2.60
N ALA A 455 -15.92 -26.35 2.61
CA ALA A 455 -15.14 -26.93 3.68
C ALA A 455 -15.47 -26.34 5.05
N ALA A 456 -15.65 -25.00 5.10
CA ALA A 456 -16.02 -24.34 6.34
C ALA A 456 -17.38 -24.80 6.83
N ARG A 457 -18.30 -24.98 5.89
CA ARG A 457 -19.65 -25.42 6.23
C ARG A 457 -19.68 -26.86 6.76
N ARG A 458 -18.88 -27.73 6.15
CA ARG A 458 -18.84 -29.13 6.60
C ARG A 458 -18.23 -29.28 8.00
N GLY A 459 -17.17 -28.54 8.27
CA GLY A 459 -16.47 -28.63 9.56
C GLY A 459 -15.95 -30.02 9.89
N VAL A 460 -15.53 -30.79 8.88
CA VAL A 460 -15.00 -32.12 9.12
C VAL A 460 -13.48 -32.16 9.12
N LEU A 461 -12.84 -31.25 8.36
CA LEU A 461 -11.38 -31.15 8.39
C LEU A 461 -10.96 -30.61 9.76
N PRO A 462 -9.76 -30.98 10.23
CA PRO A 462 -9.26 -30.41 11.48
C PRO A 462 -9.29 -28.87 11.42
N GLU A 463 -9.56 -28.24 12.57
N GLU A 463 -9.55 -28.26 12.58
CA GLU A 463 -9.57 -26.75 12.63
CA GLU A 463 -9.56 -26.80 12.72
C GLU A 463 -8.32 -26.12 12.02
C GLU A 463 -8.34 -26.12 12.07
N GLY A 464 -7.16 -26.69 12.33
CA GLY A 464 -5.90 -26.15 11.82
C GLY A 464 -5.77 -26.25 10.31
N VAL A 465 -6.30 -27.33 9.75
CA VAL A 465 -6.29 -27.48 8.31
C VAL A 465 -7.22 -26.43 7.69
N LEU A 466 -8.41 -26.24 8.26
CA LEU A 466 -9.30 -25.18 7.75
C LEU A 466 -8.68 -23.81 7.84
N ARG A 467 -7.99 -23.52 8.95
CA ARG A 467 -7.38 -22.19 9.11
C ARG A 467 -6.27 -22.01 8.06
N GLN A 468 -5.46 -23.05 7.82
CA GLN A 468 -4.37 -22.90 6.85
C GLN A 468 -4.89 -22.86 5.42
N ALA A 469 -5.96 -23.63 5.13
CA ALA A 469 -6.59 -23.51 3.82
C ALA A 469 -7.08 -22.08 3.60
N MET A 470 -7.69 -21.49 4.63
CA MET A 470 -8.11 -20.10 4.54
C MET A 470 -6.93 -19.18 4.23
N ARG A 471 -5.80 -19.38 4.91
CA ARG A 471 -4.62 -18.56 4.60
C ARG A 471 -4.20 -18.73 3.15
N GLU A 472 -4.18 -19.96 2.66
CA GLU A 472 -3.79 -20.21 1.28
C GLU A 472 -4.75 -19.57 0.28
N LEU A 473 -6.05 -19.62 0.55
CA LEU A 473 -7.02 -18.92 -0.31
C LEU A 473 -6.75 -17.41 -0.29
N LEU A 474 -6.61 -16.84 0.91
CA LEU A 474 -6.36 -15.41 0.98
C LEU A 474 -5.08 -15.07 0.21
N LEU A 475 -4.02 -15.85 0.39
CA LEU A 475 -2.79 -15.60 -0.35
C LEU A 475 -2.99 -15.69 -1.86
N LEU A 476 -3.75 -16.69 -2.30
CA LEU A 476 -4.09 -16.85 -3.70
C LEU A 476 -4.82 -15.59 -4.22
N GLU A 477 -5.75 -15.08 -3.41
CA GLU A 477 -6.56 -13.91 -3.81
C GLU A 477 -5.82 -12.57 -3.89
N ALA A 478 -4.54 -12.52 -3.54
CA ALA A 478 -3.81 -11.26 -3.63
C ALA A 478 -3.83 -10.70 -5.05
N SER A 479 -4.20 -9.44 -5.19
CA SER A 479 -4.25 -8.80 -6.51
C SER A 479 -2.85 -8.65 -7.12
N ASP A 480 -1.83 -8.71 -6.27
CA ASP A 480 -0.45 -8.54 -6.71
C ASP A 480 -0.06 -9.53 -7.80
N TRP A 481 -0.60 -10.75 -7.75
CA TRP A 481 -0.24 -11.77 -8.76
C TRP A 481 -0.81 -11.49 -10.16
N PRO A 482 -2.16 -11.36 -10.29
CA PRO A 482 -2.73 -11.07 -11.63
C PRO A 482 -2.31 -9.75 -12.19
N PHE A 483 -1.91 -8.79 -11.33
CA PHE A 483 -1.40 -7.48 -11.76
C PHE A 483 -0.24 -7.70 -12.73
N LEU A 484 0.50 -8.78 -12.52
CA LEU A 484 1.75 -9.00 -13.25
C LEU A 484 1.70 -9.99 -14.41
N MET A 485 0.54 -10.56 -14.72
CA MET A 485 0.47 -11.58 -15.77
C MET A 485 0.67 -11.08 -17.22
N GLU A 486 0.63 -9.76 -17.41
CA GLU A 486 0.95 -9.18 -18.72
C GLU A 486 2.29 -8.45 -18.75
N THR A 487 3.07 -8.66 -17.69
CA THR A 487 4.41 -8.10 -17.56
C THR A 487 5.45 -9.19 -17.80
N GLY A 488 6.18 -9.05 -18.90
CA GLY A 488 7.13 -10.07 -19.35
C GLY A 488 8.10 -10.55 -18.30
N GLN A 489 8.71 -9.61 -17.57
CA GLN A 489 9.77 -9.94 -16.62
C GLN A 489 9.25 -10.44 -15.26
N ALA A 490 7.94 -10.39 -15.06
CA ALA A 490 7.36 -10.75 -13.76
C ALA A 490 6.30 -11.87 -13.81
N GLU A 491 5.82 -12.20 -15.03
CA GLU A 491 4.68 -13.10 -15.14
C GLU A 491 4.98 -14.56 -14.72
N ALA A 492 6.21 -15.01 -14.95
CA ALA A 492 6.63 -16.36 -14.51
C ALA A 492 6.68 -16.49 -12.99
N TYR A 493 7.26 -15.49 -12.34
CA TYR A 493 7.31 -15.40 -10.91
C TYR A 493 5.88 -15.38 -10.30
N ALA A 494 5.05 -14.49 -10.84
CA ALA A 494 3.71 -14.30 -10.27
C ALA A 494 2.93 -15.58 -10.45
N ARG A 495 3.10 -16.24 -11.61
CA ARG A 495 2.42 -17.50 -11.87
C ARG A 495 2.85 -18.53 -10.85
N GLU A 496 4.16 -18.65 -10.57
CA GLU A 496 4.57 -19.65 -9.58
C GLU A 496 4.00 -19.38 -8.20
N ARG A 497 3.92 -18.09 -7.81
CA ARG A 497 3.33 -17.76 -6.52
C ARG A 497 1.86 -18.14 -6.45
N TYR A 498 1.07 -17.73 -7.43
CA TYR A 498 -0.33 -18.05 -7.33
C TYR A 498 -0.58 -19.55 -7.49
N GLU A 499 0.17 -20.19 -8.37
CA GLU A 499 0.01 -21.64 -8.54
C GLU A 499 0.36 -22.40 -7.29
N GLU A 500 1.35 -21.92 -6.54
CA GLU A 500 1.69 -22.62 -5.32
C GLU A 500 0.66 -22.41 -4.22
N HIS A 501 0.10 -21.22 -4.07
CA HIS A 501 -0.95 -21.08 -3.04
C HIS A 501 -2.20 -21.87 -3.40
N ALA A 502 -2.55 -21.90 -4.70
CA ALA A 502 -3.64 -22.78 -5.13
C ALA A 502 -3.35 -24.26 -4.87
N ARG A 503 -2.15 -24.72 -5.22
CA ARG A 503 -1.80 -26.12 -5.02
C ARG A 503 -1.88 -26.47 -3.53
N ALA A 504 -1.33 -25.61 -2.69
CA ALA A 504 -1.33 -25.85 -1.25
C ALA A 504 -2.76 -25.90 -0.72
N PHE A 505 -3.59 -24.97 -1.19
CA PHE A 505 -4.98 -24.93 -0.79
C PHE A 505 -5.67 -26.27 -1.10
N PHE A 506 -5.56 -26.73 -2.34
CA PHE A 506 -6.24 -27.97 -2.72
C PHE A 506 -5.67 -29.21 -2.06
N HIS A 507 -4.37 -29.19 -1.82
CA HIS A 507 -3.74 -30.30 -1.12
C HIS A 507 -4.27 -30.43 0.30
N LEU A 508 -4.38 -29.32 1.01
CA LEU A 508 -4.95 -29.31 2.35
C LEU A 508 -6.37 -29.86 2.39
N LEU A 509 -7.19 -29.51 1.40
CA LEU A 509 -8.57 -30.03 1.37
C LEU A 509 -8.64 -31.50 1.02
N LYS A 510 -7.76 -31.95 0.12
CA LYS A 510 -7.81 -33.34 -0.37
C LYS A 510 -7.23 -34.29 0.67
N GLY A 511 -6.22 -33.80 1.39
CA GLY A 511 -5.61 -34.56 2.50
C GLY A 511 -4.09 -34.46 2.47
N ALA A 512 -3.55 -33.79 3.47
CA ALA A 512 -2.10 -33.62 3.66
C ALA A 512 -1.78 -34.23 5.02
N SER A 513 -0.54 -34.70 5.18
CA SER A 513 -0.12 -35.20 6.49
C SER A 513 0.06 -34.03 7.47
N PRO A 514 0.07 -34.30 8.78
CA PRO A 514 0.30 -33.21 9.72
C PRO A 514 1.60 -32.48 9.48
N GLU A 515 2.66 -33.17 9.09
CA GLU A 515 3.92 -32.48 8.88
C GLU A 515 3.90 -31.67 7.59
N GLU A 516 3.13 -32.11 6.58
CA GLU A 516 2.95 -31.26 5.40
C GLU A 516 2.18 -29.99 5.77
N LEU A 517 1.17 -30.14 6.62
CA LEU A 517 0.46 -28.99 7.16
C LEU A 517 1.43 -28.04 7.87
N ARG A 518 2.25 -28.56 8.77
CA ARG A 518 3.16 -27.69 9.52
C ARG A 518 4.14 -26.97 8.61
N ALA A 519 4.59 -27.60 7.55
CA ALA A 519 5.53 -26.93 6.66
C ALA A 519 4.83 -25.77 5.96
N LEU A 520 3.56 -25.93 5.60
CA LEU A 520 2.79 -24.83 5.02
C LEU A 520 2.51 -23.75 6.06
N GLU A 521 2.19 -24.15 7.29
CA GLU A 521 1.92 -23.17 8.36
C GLU A 521 3.13 -22.30 8.63
N GLU A 522 4.32 -22.88 8.58
CA GLU A 522 5.55 -22.14 8.82
C GLU A 522 5.93 -21.26 7.62
N ARG A 523 5.73 -21.73 6.41
CA ARG A 523 6.08 -20.97 5.23
C ARG A 523 5.14 -19.77 5.05
N ASP A 524 3.85 -20.05 5.25
CA ASP A 524 2.73 -19.13 4.93
C ASP A 524 1.96 -18.82 6.21
N ASN A 525 2.45 -17.86 7.01
CA ASN A 525 1.96 -17.75 8.39
C ASN A 525 1.16 -16.46 8.74
N PRO A 526 0.55 -15.75 7.78
CA PRO A 526 -0.23 -14.59 8.24
C PRO A 526 -1.52 -15.05 8.91
N PHE A 527 -2.02 -14.20 9.79
CA PHE A 527 -3.38 -14.31 10.37
C PHE A 527 -3.49 -15.48 11.37
N PRO A 528 -2.90 -15.32 12.55
CA PRO A 528 -2.98 -16.37 13.58
C PRO A 528 -4.41 -16.64 14.05
N GLU A 529 -5.32 -15.68 13.87
CA GLU A 529 -6.71 -15.81 14.31
C GLU A 529 -7.65 -15.94 13.09
N ALA A 530 -7.13 -16.41 11.96
CA ALA A 530 -7.96 -16.64 10.78
C ALA A 530 -9.23 -17.42 11.16
N ASP A 531 -10.38 -16.90 10.76
CA ASP A 531 -11.67 -17.48 11.13
C ASP A 531 -12.44 -18.02 9.92
N PRO A 532 -12.36 -19.35 9.68
CA PRO A 532 -13.06 -19.92 8.54
C PRO A 532 -14.58 -19.73 8.58
N ARG A 533 -15.15 -19.47 9.76
N ARG A 533 -15.15 -19.47 9.76
CA ARG A 533 -16.58 -19.18 9.88
CA ARG A 533 -16.58 -19.20 9.87
C ARG A 533 -17.01 -17.99 9.03
C ARG A 533 -17.03 -17.94 9.12
N LEU A 534 -16.07 -17.12 8.68
CA LEU A 534 -16.40 -15.95 7.86
C LEU A 534 -16.97 -16.35 6.51
N TYR A 535 -16.62 -17.56 6.03
CA TYR A 535 -17.13 -18.06 4.77
C TYR A 535 -18.58 -18.54 4.88
N LEU A 536 -19.15 -18.48 6.08
CA LEU A 536 -20.57 -18.78 6.29
C LEU A 536 -21.43 -17.54 6.40
N PHE A 537 -20.79 -16.36 6.44
CA PHE A 537 -21.43 -15.05 6.29
C PHE A 537 -22.88 -15.14 5.86
#